data_4K3C
#
_entry.id   4K3C
#
_cell.length_a   47.779
_cell.length_b   88.162
_cell.length_c   244.454
_cell.angle_alpha   90.00
_cell.angle_beta   90.00
_cell.angle_gamma   90.00
#
_symmetry.space_group_name_H-M   'P 2 21 21'
#
loop_
_entity.id
_entity.type
_entity.pdbx_description
1 polymer 'Outer membrane protein assembly factor BamA'
2 water water
#
_entity_poly.entity_id   1
_entity_poly.type   'polypeptide(L)'
_entity_poly.pdbx_seq_one_letter_code
;YNISEMRIIGDTQKLDNELNQLLTHFKAGQLFRKTELSIIEEQIKQILGDRGYGSAKVDLYPKFNEEDHTVQINFIVDAG
RRIYVRKIRFEGNDVTADSTLRREMRQQEGAWLSTSAVSLAKSRLERTGFYETVEMSMPTVKNTDDQVDIIYKIKERNTG
SINFGVGYGSGSGLSYNAGITQDNFLGMGSSLGLNGSRNTDSTNVNLSYTEPYFTKDGVSLGGNIFYEDYDNSARKASAA
YKRKTYGASGTLGFPVDENNSYYLGLGYTHDKLRNVEREYTREKYVNSMKFPINPQNSHYDRIQSADFDLSFGWNYNNLN
RGYFPTAGSSANISGKLTLPGSDNKYYQVGTNFSGYIPLNSEHKWVIATKGGLAYTNSFGGKEVPFYQLYSAGGMGSLRG
FAGGSIGPKAIYYREDGFKAPSQDVIGGNAMVNASLELIIPAPFISDKYQHNVRTSVFVDAATVWNTKWKQSKADYPNLP
DFGDYKRVRASAGIALQWQSPIGPLSFSYAKPIKKYAGDEIEQFQFTVGSTF
;
_entity_poly.pdbx_strand_id   A
#
# COMPACT_ATOMS: atom_id res chain seq x y z
N TYR A 1 -10.28 50.58 -20.77
CA TYR A 1 -11.49 49.87 -20.26
C TYR A 1 -12.17 48.82 -21.16
N ASN A 2 -11.95 47.54 -20.86
CA ASN A 2 -12.68 46.42 -21.49
C ASN A 2 -12.27 46.11 -22.94
N ILE A 3 -13.14 45.40 -23.66
CA ILE A 3 -12.84 44.86 -24.99
C ILE A 3 -14.12 44.63 -25.81
N SER A 4 -14.04 44.88 -27.11
CA SER A 4 -15.14 44.57 -28.03
C SER A 4 -15.23 43.06 -28.34
N GLU A 5 -14.40 42.60 -29.26
CA GLU A 5 -14.52 41.23 -29.80
C GLU A 5 -13.16 40.51 -29.84
N MET A 6 -13.18 39.26 -30.27
CA MET A 6 -11.96 38.48 -30.53
C MET A 6 -12.18 37.46 -31.67
N ARG A 7 -11.61 37.76 -32.84
CA ARG A 7 -11.84 36.96 -34.06
C ARG A 7 -10.78 35.88 -34.33
N ILE A 8 -9.75 35.83 -33.48
CA ILE A 8 -8.60 34.93 -33.64
C ILE A 8 -7.99 34.95 -35.05
N ILE A 9 -7.01 35.83 -35.25
CA ILE A 9 -6.38 35.99 -36.57
C ILE A 9 -5.08 35.20 -36.61
N GLY A 10 -4.62 34.86 -37.81
CA GLY A 10 -3.34 34.20 -37.94
C GLY A 10 -3.23 33.18 -39.06
N ASP A 11 -2.18 32.36 -38.95
CA ASP A 11 -1.84 31.38 -39.97
C ASP A 11 -1.12 30.23 -39.26
N THR A 12 -1.20 29.00 -39.78
CA THR A 12 -1.93 28.65 -41.00
C THR A 12 -2.46 27.22 -40.89
N GLN A 13 -2.86 26.67 -42.03
CA GLN A 13 -3.16 25.23 -42.16
C GLN A 13 -4.28 24.70 -41.26
N LYS A 14 -5.52 25.08 -41.56
CA LYS A 14 -6.71 24.61 -40.84
C LYS A 14 -6.59 24.66 -39.32
N LEU A 15 -5.73 25.53 -38.82
CA LEU A 15 -5.50 25.66 -37.39
C LEU A 15 -6.68 26.34 -36.73
N ASP A 16 -7.28 27.29 -37.44
CA ASP A 16 -8.36 28.12 -36.93
C ASP A 16 -9.58 27.34 -36.43
N ASN A 17 -9.63 26.05 -36.71
CA ASN A 17 -10.71 25.20 -36.21
C ASN A 17 -10.60 24.92 -34.71
N GLU A 18 -9.72 24.00 -34.33
CA GLU A 18 -9.57 23.62 -32.92
C GLU A 18 -8.84 24.70 -32.10
N LEU A 19 -8.32 25.72 -32.79
CA LEU A 19 -7.75 26.87 -32.11
C LEU A 19 -8.85 27.77 -31.58
N ASN A 20 -9.74 28.18 -32.48
CA ASN A 20 -10.82 29.10 -32.17
C ASN A 20 -11.66 28.67 -30.97
N GLN A 21 -12.45 27.61 -31.14
CA GLN A 21 -13.40 27.20 -30.11
C GLN A 21 -12.82 26.16 -29.12
N LEU A 22 -13.08 26.36 -27.83
CA LEU A 22 -13.83 27.53 -27.35
C LEU A 22 -12.97 28.42 -26.46
N LEU A 23 -11.65 28.32 -26.61
CA LEU A 23 -10.70 29.10 -25.82
C LEU A 23 -10.69 30.58 -26.22
N THR A 24 -11.53 30.94 -27.19
CA THR A 24 -11.68 32.34 -27.59
C THR A 24 -12.37 33.10 -26.46
N HIS A 25 -12.89 32.36 -25.49
CA HIS A 25 -13.62 32.92 -24.35
C HIS A 25 -14.77 33.81 -24.81
N PHE A 26 -15.90 33.18 -25.08
CA PHE A 26 -17.10 33.84 -25.61
C PHE A 26 -17.25 35.31 -25.21
N LYS A 27 -17.81 35.55 -24.02
CA LYS A 27 -17.91 36.89 -23.42
C LYS A 27 -18.73 36.89 -22.13
N ALA A 28 -18.32 37.74 -21.17
CA ALA A 28 -19.06 37.98 -19.95
C ALA A 28 -18.52 39.26 -19.31
N GLY A 29 -18.56 40.34 -20.08
CA GLY A 29 -17.97 41.60 -19.65
C GLY A 29 -16.58 41.78 -20.23
N GLN A 30 -15.93 40.65 -20.54
CA GLN A 30 -14.60 40.63 -21.14
C GLN A 30 -13.53 41.51 -20.48
N LEU A 31 -13.13 41.14 -19.27
CA LEU A 31 -12.10 41.88 -18.54
C LEU A 31 -10.73 41.71 -19.20
N PHE A 32 -9.75 42.48 -18.73
CA PHE A 32 -8.39 42.42 -19.26
C PHE A 32 -7.34 42.74 -18.19
N ARG A 33 -6.24 41.99 -18.18
CA ARG A 33 -5.20 42.18 -17.19
C ARG A 33 -3.79 42.21 -17.79
N LYS A 34 -2.82 42.66 -17.00
CA LYS A 34 -1.44 42.84 -17.45
C LYS A 34 -0.64 41.53 -17.46
N THR A 35 -0.83 40.72 -16.42
CA THR A 35 -0.11 39.45 -16.32
C THR A 35 -0.98 38.26 -16.73
N GLU A 36 -2.28 38.51 -16.93
CA GLU A 36 -3.22 37.46 -17.30
C GLU A 36 -3.39 37.35 -18.82
N LEU A 37 -2.46 37.95 -19.56
CA LEU A 37 -2.44 37.85 -21.00
C LEU A 37 -1.28 36.97 -21.45
N SER A 38 -0.43 36.58 -20.50
CA SER A 38 0.73 35.75 -20.79
C SER A 38 0.35 34.28 -21.04
N ILE A 39 -0.45 33.71 -20.14
CA ILE A 39 -0.78 32.28 -20.18
C ILE A 39 -1.80 31.90 -21.26
N ILE A 40 -2.66 32.85 -21.65
CA ILE A 40 -3.63 32.61 -22.70
C ILE A 40 -2.91 32.30 -24.01
N GLU A 41 -1.81 33.02 -24.25
CA GLU A 41 -0.97 32.81 -25.42
C GLU A 41 -0.39 31.40 -25.42
N GLU A 42 0.00 30.94 -24.23
CA GLU A 42 0.58 29.61 -24.07
C GLU A 42 -0.45 28.52 -24.36
N GLN A 43 -1.71 28.77 -23.99
CA GLN A 43 -2.81 27.82 -24.24
C GLN A 43 -2.94 27.45 -25.73
N ILE A 44 -2.78 28.46 -26.60
CA ILE A 44 -2.87 28.26 -28.05
C ILE A 44 -1.64 27.58 -28.65
N LYS A 45 -0.45 28.01 -28.22
CA LYS A 45 0.80 27.47 -28.75
C LYS A 45 1.04 26.02 -28.31
N GLN A 46 0.13 25.49 -27.51
CA GLN A 46 0.16 24.10 -27.08
C GLN A 46 -0.74 23.26 -27.98
N ILE A 47 -1.85 23.84 -28.42
CA ILE A 47 -2.78 23.17 -29.32
C ILE A 47 -2.08 22.88 -30.65
N LEU A 48 -1.26 23.83 -31.07
CA LEU A 48 -0.44 23.67 -32.27
C LEU A 48 0.64 22.63 -31.99
N GLY A 49 1.26 22.72 -30.83
CA GLY A 49 2.33 21.82 -30.43
C GLY A 49 1.99 20.35 -30.59
N ASP A 50 0.88 19.91 -30.02
CA ASP A 50 0.51 18.53 -30.18
C ASP A 50 0.25 18.13 -31.60
N ARG A 51 0.09 19.11 -32.48
CA ARG A 51 -0.30 18.79 -33.84
C ARG A 51 0.85 18.83 -34.82
N GLY A 52 2.04 19.06 -34.32
CA GLY A 52 3.23 19.02 -35.15
C GLY A 52 4.04 20.30 -35.20
N TYR A 53 3.41 21.42 -34.84
CA TYR A 53 4.11 22.71 -34.84
C TYR A 53 4.62 23.05 -33.45
N GLY A 54 5.89 22.73 -33.20
CA GLY A 54 6.51 23.13 -31.95
C GLY A 54 6.72 24.62 -31.93
N SER A 55 7.70 25.08 -32.72
CA SER A 55 7.97 26.51 -32.89
C SER A 55 6.68 27.20 -33.26
N ALA A 56 6.30 28.18 -32.46
CA ALA A 56 5.06 28.91 -32.67
C ALA A 56 5.16 30.27 -32.01
N LYS A 57 4.94 31.33 -32.80
CA LYS A 57 4.98 32.67 -32.28
C LYS A 57 3.56 33.19 -32.13
N VAL A 58 3.08 33.28 -30.89
CA VAL A 58 1.79 33.90 -30.61
C VAL A 58 1.97 35.29 -30.01
N ASP A 59 1.74 36.32 -30.81
CA ASP A 59 2.00 37.71 -30.41
C ASP A 59 0.72 38.47 -30.06
N LEU A 60 0.51 38.69 -28.77
CA LEU A 60 -0.58 39.57 -28.34
C LEU A 60 -0.18 41.02 -28.56
N TYR A 61 -0.89 41.69 -29.44
CA TYR A 61 -0.63 43.08 -29.74
C TYR A 61 -1.94 43.81 -29.98
N PRO A 62 -2.67 44.12 -28.91
CA PRO A 62 -3.97 44.80 -28.89
C PRO A 62 -3.82 46.31 -29.07
N LYS A 63 -4.65 46.89 -29.95
CA LYS A 63 -4.64 48.33 -30.18
C LYS A 63 -5.92 48.98 -29.64
N PHE A 64 -5.76 49.88 -28.68
CA PHE A 64 -6.90 50.48 -27.99
C PHE A 64 -7.34 51.81 -28.60
N ASN A 65 -8.63 52.12 -28.47
CA ASN A 65 -9.17 53.41 -28.88
C ASN A 65 -9.39 54.32 -27.67
N GLU A 66 -8.86 55.54 -27.75
CA GLU A 66 -8.97 56.49 -26.64
C GLU A 66 -10.29 57.27 -26.69
N GLU A 67 -11.18 56.88 -27.60
CA GLU A 67 -12.49 57.50 -27.71
C GLU A 67 -13.61 56.52 -27.33
N ASP A 68 -13.68 55.41 -28.05
CA ASP A 68 -14.68 54.38 -27.78
C ASP A 68 -14.29 53.58 -26.54
N HIS A 69 -13.06 53.77 -26.09
CA HIS A 69 -12.52 53.06 -24.93
C HIS A 69 -12.71 51.55 -25.04
N THR A 70 -12.52 51.02 -26.24
CA THR A 70 -12.70 49.59 -26.48
C THR A 70 -11.49 48.96 -27.15
N VAL A 71 -10.77 48.15 -26.40
CA VAL A 71 -9.56 47.49 -26.88
C VAL A 71 -9.87 46.36 -27.85
N GLN A 72 -9.38 46.48 -29.08
CA GLN A 72 -9.49 45.39 -30.05
C GLN A 72 -8.24 44.51 -30.00
N ILE A 73 -8.34 43.39 -29.28
CA ILE A 73 -7.20 42.48 -29.11
C ILE A 73 -6.94 41.67 -30.37
N ASN A 74 -5.68 41.32 -30.60
CA ASN A 74 -5.30 40.60 -31.82
C ASN A 74 -4.31 39.46 -31.60
N PHE A 75 -4.67 38.27 -32.06
CA PHE A 75 -3.77 37.11 -32.04
C PHE A 75 -2.92 37.10 -33.30
N ILE A 76 -1.62 37.33 -33.15
CA ILE A 76 -0.73 37.28 -34.29
C ILE A 76 0.09 35.99 -34.24
N VAL A 77 -0.35 34.99 -35.01
CA VAL A 77 0.16 33.63 -34.89
C VAL A 77 1.09 33.21 -36.03
N ASP A 78 2.35 32.99 -35.68
CA ASP A 78 3.31 32.43 -36.62
C ASP A 78 3.54 30.99 -36.21
N ALA A 79 2.93 30.07 -36.96
CA ALA A 79 2.85 28.67 -36.55
C ALA A 79 4.04 27.80 -36.95
N GLY A 80 5.04 28.39 -37.60
CA GLY A 80 6.22 27.65 -38.03
C GLY A 80 5.92 26.47 -38.96
N ARG A 81 6.93 25.64 -39.18
CA ARG A 81 6.75 24.41 -39.96
C ARG A 81 6.28 23.27 -39.08
N ARG A 82 5.72 22.24 -39.71
CA ARG A 82 5.32 21.02 -39.00
C ARG A 82 6.55 20.13 -38.84
N ILE A 83 6.89 19.83 -37.60
CA ILE A 83 8.15 19.13 -37.29
C ILE A 83 7.96 17.62 -37.19
N TYR A 84 8.61 16.89 -38.11
CA TYR A 84 8.49 15.43 -38.19
C TYR A 84 9.63 14.73 -37.45
N VAL A 85 9.29 13.92 -36.43
CA VAL A 85 10.31 13.22 -35.65
C VAL A 85 10.77 11.93 -36.31
N ARG A 86 12.07 11.87 -36.61
CA ARG A 86 12.67 10.73 -37.29
C ARG A 86 12.83 9.55 -36.33
N LYS A 87 13.63 9.75 -35.28
CA LYS A 87 13.82 8.74 -34.25
C LYS A 87 14.26 9.42 -32.95
N ILE A 88 13.94 8.81 -31.80
CA ILE A 88 14.40 9.33 -30.51
C ILE A 88 15.53 8.46 -29.98
N ARG A 89 16.54 9.09 -29.39
CA ARG A 89 17.72 8.37 -28.92
C ARG A 89 18.17 8.87 -27.56
N PHE A 90 19.00 8.08 -26.91
CA PHE A 90 19.49 8.45 -25.59
C PHE A 90 21.02 8.52 -25.57
N GLU A 91 21.55 9.36 -24.69
CA GLU A 91 22.97 9.39 -24.47
C GLU A 91 23.28 9.73 -23.02
N GLY A 92 24.48 9.33 -22.57
CA GLY A 92 24.84 9.46 -21.17
C GLY A 92 24.42 8.27 -20.35
N ASN A 93 23.71 7.33 -20.99
CA ASN A 93 23.16 6.17 -20.31
C ASN A 93 24.13 5.00 -20.29
N ASP A 94 25.17 5.12 -19.49
CA ASP A 94 26.27 4.16 -19.53
C ASP A 94 25.90 2.85 -18.87
N VAL A 95 25.13 2.93 -17.80
CA VAL A 95 24.78 1.70 -17.13
C VAL A 95 23.36 1.29 -17.47
N THR A 96 22.51 2.26 -17.80
CA THR A 96 21.07 1.97 -17.89
C THR A 96 20.63 0.95 -18.96
N ALA A 97 20.08 1.40 -20.08
CA ALA A 97 19.48 0.50 -21.10
C ALA A 97 18.58 1.31 -21.98
N ASP A 98 18.70 1.10 -23.29
CA ASP A 98 17.80 1.74 -24.21
C ASP A 98 16.40 1.34 -23.80
N SER A 99 16.25 0.07 -23.44
CA SER A 99 14.99 -0.49 -22.97
C SER A 99 14.43 0.36 -21.85
N THR A 100 15.17 0.42 -20.74
CA THR A 100 14.67 1.01 -19.50
C THR A 100 14.28 2.49 -19.60
N LEU A 101 14.83 3.20 -20.58
CA LEU A 101 14.45 4.59 -20.86
C LEU A 101 13.35 4.64 -21.94
N ARG A 102 13.48 3.79 -22.95
CA ARG A 102 12.46 3.72 -24.00
C ARG A 102 11.34 2.80 -23.53
N ARG A 103 10.55 3.34 -22.62
CA ARG A 103 9.47 2.62 -21.99
C ARG A 103 8.67 3.75 -21.42
N GLU A 104 9.39 4.81 -21.06
CA GLU A 104 8.75 6.03 -20.61
C GLU A 104 8.54 7.00 -21.78
N MET A 105 9.00 6.63 -22.97
CA MET A 105 8.74 7.46 -24.15
C MET A 105 7.29 7.27 -24.61
N ARG A 106 6.57 8.35 -24.83
CA ARG A 106 5.22 8.27 -25.39
C ARG A 106 5.28 8.60 -26.87
N GLN A 107 5.88 9.73 -27.20
CA GLN A 107 6.00 10.10 -28.60
C GLN A 107 6.52 8.93 -29.43
N GLN A 108 5.98 8.77 -30.64
CA GLN A 108 6.40 7.71 -31.54
C GLN A 108 7.31 8.24 -32.64
N GLU A 109 8.24 7.40 -33.09
CA GLU A 109 9.16 7.77 -34.15
C GLU A 109 8.52 7.57 -35.53
N GLY A 110 9.02 8.29 -36.53
CA GLY A 110 8.40 8.30 -37.84
C GLY A 110 6.99 8.88 -37.75
N ALA A 111 6.80 9.75 -36.77
CA ALA A 111 5.50 10.35 -36.48
C ALA A 111 5.61 11.83 -36.10
N TRP A 112 4.55 12.58 -36.37
CA TRP A 112 4.52 14.03 -36.12
C TRP A 112 4.77 14.39 -34.67
N LEU A 113 5.66 15.35 -34.45
CA LEU A 113 6.01 15.80 -33.12
C LEU A 113 4.81 16.24 -32.29
N SER A 114 4.69 15.70 -31.09
CA SER A 114 3.71 16.20 -30.13
C SER A 114 4.40 16.73 -28.88
N THR A 115 4.74 18.02 -28.89
CA THR A 115 5.44 18.61 -27.77
C THR A 115 4.56 18.73 -26.54
N SER A 116 4.35 17.59 -25.92
CA SER A 116 3.61 17.50 -24.67
C SER A 116 3.94 16.11 -24.17
N ALA A 117 3.55 15.11 -24.95
CA ALA A 117 3.93 13.74 -24.68
C ALA A 117 5.46 13.61 -24.71
N VAL A 118 6.08 14.51 -25.46
CA VAL A 118 7.53 14.67 -25.46
C VAL A 118 7.99 15.35 -24.17
N SER A 119 7.39 16.50 -23.85
CA SER A 119 7.79 17.27 -22.68
C SER A 119 7.44 16.54 -21.39
N LEU A 120 6.40 15.72 -21.47
CA LEU A 120 5.94 14.96 -20.31
C LEU A 120 6.76 13.70 -20.08
N ALA A 121 7.45 13.25 -21.12
CA ALA A 121 8.31 12.07 -21.03
C ALA A 121 9.58 12.40 -20.27
N LYS A 122 10.12 13.60 -20.49
CA LYS A 122 11.31 13.99 -19.74
C LYS A 122 10.95 14.11 -18.26
N SER A 123 9.68 14.43 -17.98
CA SER A 123 9.17 14.46 -16.61
C SER A 123 9.01 13.05 -16.03
N ARG A 124 8.53 12.12 -16.86
CA ARG A 124 8.44 10.72 -16.47
C ARG A 124 9.81 10.13 -16.19
N LEU A 125 10.81 10.60 -16.93
CA LEU A 125 12.17 10.13 -16.72
C LEU A 125 12.65 10.56 -15.35
N GLU A 126 12.61 11.86 -15.08
CA GLU A 126 12.78 12.33 -13.71
C GLU A 126 11.68 11.65 -12.90
N ARG A 127 11.74 11.74 -11.58
CA ARG A 127 10.66 11.20 -10.74
C ARG A 127 10.72 9.66 -10.66
N THR A 128 11.50 9.04 -11.52
CA THR A 128 11.78 7.62 -11.40
C THR A 128 12.81 7.45 -10.31
N GLY A 129 13.69 8.43 -10.21
CA GLY A 129 14.77 8.37 -9.24
C GLY A 129 16.08 7.93 -9.85
N PHE A 130 16.03 7.44 -11.08
CA PHE A 130 17.19 6.80 -11.69
C PHE A 130 18.26 7.78 -12.12
N TYR A 131 17.88 9.02 -12.36
CA TYR A 131 18.80 9.98 -12.94
C TYR A 131 18.79 11.26 -12.17
N GLU A 132 19.89 11.99 -12.23
CA GLU A 132 19.98 13.27 -11.56
C GLU A 132 19.48 14.32 -12.51
N THR A 133 19.72 14.08 -13.77
CA THR A 133 19.61 15.03 -14.84
C THR A 133 18.97 14.40 -16.03
N VAL A 134 17.97 15.05 -16.58
CA VAL A 134 17.39 14.62 -17.81
C VAL A 134 17.20 15.86 -18.63
N GLU A 135 17.67 15.87 -19.87
CA GLU A 135 17.47 17.03 -20.72
C GLU A 135 17.31 16.60 -22.15
N MET A 136 16.43 17.26 -22.88
CA MET A 136 16.14 16.88 -24.25
C MET A 136 16.62 17.87 -25.27
N SER A 137 16.75 17.39 -26.50
CA SER A 137 17.35 18.16 -27.58
C SER A 137 16.45 18.09 -28.82
N MET A 138 16.52 19.11 -29.67
CA MET A 138 15.71 19.12 -30.88
C MET A 138 16.47 19.13 -32.22
N PRO A 139 17.71 18.60 -32.28
CA PRO A 139 18.53 18.87 -33.46
C PRO A 139 17.91 18.34 -34.75
N THR A 140 18.16 19.01 -35.86
CA THR A 140 17.26 18.94 -37.01
C THR A 140 17.59 17.97 -38.14
N VAL A 141 18.47 17.00 -37.90
CA VAL A 141 18.79 15.98 -38.90
C VAL A 141 19.21 16.59 -40.25
N LYS A 142 20.40 17.18 -40.31
CA LYS A 142 20.88 17.75 -41.57
C LYS A 142 21.15 16.64 -42.59
N ASN A 143 20.76 16.83 -43.86
CA ASN A 143 20.17 18.07 -44.36
C ASN A 143 18.64 18.10 -44.26
N THR A 144 18.01 16.97 -44.61
CA THR A 144 16.54 16.77 -44.64
C THR A 144 15.66 17.62 -45.62
N ASP A 145 14.94 18.70 -45.25
CA ASP A 145 14.89 19.39 -43.96
C ASP A 145 13.55 19.08 -43.27
N ASP A 146 13.28 19.80 -42.17
CA ASP A 146 12.03 19.71 -41.41
C ASP A 146 11.86 18.46 -40.52
N GLN A 147 12.80 17.52 -40.61
CA GLN A 147 12.82 16.36 -39.71
C GLN A 147 13.62 16.66 -38.44
N VAL A 148 13.33 15.95 -37.35
CA VAL A 148 14.14 16.07 -36.13
C VAL A 148 14.37 14.76 -35.40
N ASP A 149 15.58 14.63 -34.86
CA ASP A 149 15.88 13.62 -33.86
C ASP A 149 15.75 14.30 -32.50
N ILE A 150 15.06 13.65 -31.57
CA ILE A 150 14.99 14.16 -30.20
C ILE A 150 15.80 13.28 -29.22
N ILE A 151 16.94 13.81 -28.78
CA ILE A 151 17.87 13.07 -27.91
C ILE A 151 17.59 13.33 -26.43
N TYR A 152 17.76 12.30 -25.60
CA TYR A 152 17.66 12.49 -24.16
C TYR A 152 19.01 12.23 -23.50
N LYS A 153 19.58 13.27 -22.90
CA LYS A 153 20.89 13.18 -22.27
C LYS A 153 20.73 13.08 -20.78
N ILE A 154 21.05 11.92 -20.22
CA ILE A 154 20.89 11.72 -18.79
C ILE A 154 22.22 11.59 -18.03
N LYS A 155 22.18 11.97 -16.75
CA LYS A 155 23.26 11.70 -15.82
C LYS A 155 22.79 10.59 -14.89
N GLU A 156 23.41 9.43 -14.98
CA GLU A 156 23.09 8.29 -14.12
C GLU A 156 23.31 8.69 -12.68
N ARG A 157 22.71 7.99 -11.75
CA ARG A 157 22.84 8.40 -10.37
C ARG A 157 22.81 7.21 -9.42
N ASN A 158 23.40 7.40 -8.23
CA ASN A 158 23.43 6.36 -7.21
C ASN A 158 22.02 5.95 -6.77
N THR A 159 21.59 4.77 -7.19
CA THR A 159 20.25 4.30 -6.95
C THR A 159 20.28 3.24 -5.87
N GLY A 160 21.36 3.25 -5.11
CA GLY A 160 21.53 2.36 -3.97
C GLY A 160 21.23 3.10 -2.68
N SER A 161 20.47 2.46 -1.80
CA SER A 161 20.11 3.04 -0.52
C SER A 161 20.40 2.06 0.60
N ILE A 162 20.67 2.59 1.79
CA ILE A 162 20.72 1.76 2.98
C ILE A 162 19.77 2.41 3.95
N ASN A 163 19.07 1.63 4.74
CA ASN A 163 18.06 2.19 5.62
C ASN A 163 17.85 1.38 6.89
N PHE A 164 17.53 2.11 7.96
CA PHE A 164 17.38 1.54 9.28
C PHE A 164 16.11 2.08 9.90
N GLY A 165 15.50 1.27 10.77
CA GLY A 165 14.40 1.74 11.61
C GLY A 165 14.57 1.18 13.00
N VAL A 166 14.06 1.88 14.00
CA VAL A 166 14.07 1.44 15.39
C VAL A 166 12.73 1.83 15.95
N GLY A 167 12.15 0.96 16.76
CA GLY A 167 10.81 1.23 17.25
C GLY A 167 10.46 0.47 18.50
N TYR A 168 9.51 1.01 19.24
CA TYR A 168 9.06 0.40 20.47
C TYR A 168 7.53 0.57 20.69
N GLY A 169 6.91 -0.46 21.25
CA GLY A 169 5.47 -0.49 21.38
C GLY A 169 5.00 -1.48 22.41
N SER A 170 3.75 -1.33 22.84
CA SER A 170 3.16 -2.15 23.89
C SER A 170 3.24 -3.64 23.60
N GLY A 171 2.73 -4.02 22.44
CA GLY A 171 2.89 -5.36 21.94
C GLY A 171 3.87 -5.10 20.82
N SER A 172 4.77 -6.08 20.61
CA SER A 172 5.96 -5.96 19.76
C SER A 172 7.26 -5.63 20.51
N GLY A 173 7.18 -4.75 21.53
CA GLY A 173 8.35 -4.34 22.28
C GLY A 173 9.39 -3.62 21.41
N LEU A 174 10.66 -3.89 21.66
CA LEU A 174 11.75 -3.28 20.89
C LEU A 174 11.91 -3.86 19.48
N SER A 175 11.85 -2.99 18.49
CA SER A 175 11.98 -3.41 17.09
C SER A 175 13.08 -2.61 16.43
N TYR A 176 13.89 -3.30 15.63
CA TYR A 176 14.77 -2.64 14.66
C TYR A 176 14.82 -3.45 13.38
N ASN A 177 15.22 -2.78 12.31
CA ASN A 177 15.34 -3.41 11.00
C ASN A 177 16.40 -2.64 10.25
N ALA A 178 17.13 -3.33 9.38
CA ALA A 178 18.00 -2.68 8.39
C ALA A 178 17.69 -3.29 7.05
N GLY A 179 18.26 -2.69 6.01
CA GLY A 179 18.00 -3.15 4.67
C GLY A 179 18.91 -2.44 3.70
N ILE A 180 19.20 -3.10 2.60
CA ILE A 180 20.09 -2.54 1.62
C ILE A 180 19.38 -2.75 0.29
N THR A 181 19.50 -1.76 -0.59
CA THR A 181 18.69 -1.73 -1.81
C THR A 181 19.46 -1.14 -2.98
N GLN A 182 19.42 -1.81 -4.12
CA GLN A 182 19.95 -1.23 -5.33
C GLN A 182 18.81 -1.20 -6.31
N ASP A 183 18.41 0.01 -6.65
CA ASP A 183 17.39 0.21 -7.66
C ASP A 183 18.01 0.27 -9.04
N ASN A 184 17.16 0.15 -10.06
CA ASN A 184 17.64 0.17 -11.43
C ASN A 184 18.76 -0.88 -11.65
N PHE A 185 18.72 -1.94 -10.85
CA PHE A 185 19.55 -3.13 -11.00
C PHE A 185 19.06 -3.88 -12.20
N LEU A 186 19.92 -4.19 -13.15
CA LEU A 186 21.24 -3.62 -13.26
C LEU A 186 21.09 -2.85 -14.53
N GLY A 187 20.59 -1.61 -14.44
CA GLY A 187 20.26 -0.84 -15.62
C GLY A 187 18.94 -1.29 -16.21
N MET A 188 18.32 -2.29 -15.56
CA MET A 188 17.09 -2.91 -16.05
C MET A 188 15.80 -2.33 -15.45
N GLY A 189 15.94 -1.36 -14.56
CA GLY A 189 14.77 -0.72 -13.98
C GLY A 189 14.08 -1.51 -12.88
N SER A 190 14.64 -2.65 -12.52
CA SER A 190 14.09 -3.38 -11.40
C SER A 190 14.73 -3.00 -10.05
N SER A 191 14.46 -3.78 -9.03
CA SER A 191 14.94 -3.44 -7.70
C SER A 191 15.22 -4.69 -6.90
N LEU A 192 16.42 -4.73 -6.32
CA LEU A 192 16.86 -5.85 -5.52
C LEU A 192 17.09 -5.35 -4.11
N GLY A 193 16.64 -6.12 -3.12
CA GLY A 193 16.79 -5.69 -1.75
C GLY A 193 17.05 -6.79 -0.78
N LEU A 194 17.87 -6.47 0.20
CA LEU A 194 18.12 -7.34 1.33
C LEU A 194 17.57 -6.64 2.55
N ASN A 195 16.78 -7.37 3.31
CA ASN A 195 16.13 -6.81 4.47
C ASN A 195 16.10 -7.76 5.63
N GLY A 196 16.31 -7.23 6.82
CA GLY A 196 16.17 -8.02 8.01
C GLY A 196 15.65 -7.17 9.15
N SER A 197 14.93 -7.81 10.07
CA SER A 197 14.29 -7.09 11.18
C SER A 197 14.07 -7.98 12.41
N ARG A 198 13.86 -7.35 13.57
CA ARG A 198 13.69 -8.03 14.84
C ARG A 198 12.52 -7.50 15.66
N ASN A 199 11.60 -8.41 16.01
CA ASN A 199 10.52 -8.19 17.01
C ASN A 199 11.00 -8.86 18.26
N THR A 200 10.17 -8.91 19.29
CA THR A 200 10.39 -9.85 20.38
C THR A 200 9.95 -11.23 19.94
N ASP A 201 9.11 -11.28 18.91
CA ASP A 201 8.52 -12.54 18.45
C ASP A 201 9.30 -13.20 17.32
N SER A 202 9.93 -12.39 16.47
CA SER A 202 10.76 -12.97 15.42
C SER A 202 11.95 -12.13 14.95
N THR A 203 12.83 -12.78 14.19
CA THR A 203 13.74 -12.07 13.34
C THR A 203 13.46 -12.57 11.92
N ASN A 204 13.41 -11.68 10.95
CA ASN A 204 13.06 -12.10 9.61
C ASN A 204 14.02 -11.48 8.62
N VAL A 205 14.69 -12.33 7.87
CA VAL A 205 15.53 -11.88 6.80
C VAL A 205 14.81 -12.15 5.49
N ASN A 206 15.11 -11.37 4.48
CA ASN A 206 14.28 -11.31 3.33
C ASN A 206 15.09 -10.83 2.13
N LEU A 207 15.23 -11.66 1.10
CA LEU A 207 15.75 -11.16 -0.17
C LEU A 207 14.61 -11.02 -1.14
N SER A 208 14.57 -9.93 -1.88
CA SER A 208 13.42 -9.66 -2.74
C SER A 208 13.85 -9.01 -4.05
N TYR A 209 13.25 -9.48 -5.15
CA TYR A 209 13.49 -8.87 -6.45
C TYR A 209 12.19 -8.36 -7.10
N THR A 210 12.18 -7.10 -7.50
CA THR A 210 10.97 -6.51 -8.06
C THR A 210 11.12 -6.02 -9.50
N GLU A 211 10.40 -6.64 -10.42
CA GLU A 211 10.33 -6.14 -11.80
C GLU A 211 9.00 -5.39 -12.02
N PRO A 212 9.07 -4.05 -12.10
CA PRO A 212 7.90 -3.19 -12.29
C PRO A 212 7.19 -3.49 -13.60
N TYR A 213 7.99 -3.83 -14.60
CA TYR A 213 7.43 -4.30 -15.85
C TYR A 213 7.58 -5.79 -15.84
N PHE A 214 7.42 -6.45 -16.97
CA PHE A 214 7.31 -7.91 -17.05
C PHE A 214 6.32 -8.08 -18.15
N THR A 215 5.39 -7.14 -18.18
CA THR A 215 4.65 -6.85 -19.37
C THR A 215 4.72 -5.34 -19.57
N LYS A 216 4.76 -4.92 -20.84
CA LYS A 216 4.76 -3.51 -21.24
C LYS A 216 3.64 -2.75 -20.52
N ASP A 217 2.57 -3.48 -20.23
CA ASP A 217 1.34 -2.89 -19.75
C ASP A 217 1.37 -2.63 -18.24
N GLY A 218 2.50 -2.90 -17.60
CA GLY A 218 2.65 -2.56 -16.20
C GLY A 218 2.45 -3.67 -15.18
N VAL A 219 2.23 -4.90 -15.63
CA VAL A 219 2.15 -6.02 -14.70
C VAL A 219 3.51 -6.20 -14.03
N SER A 220 3.51 -6.38 -12.71
CA SER A 220 4.77 -6.52 -11.98
C SER A 220 5.06 -7.97 -11.58
N LEU A 221 6.34 -8.33 -11.52
CA LEU A 221 6.72 -9.65 -11.06
C LEU A 221 7.62 -9.51 -9.86
N GLY A 222 7.14 -9.90 -8.70
CA GLY A 222 7.92 -9.87 -7.49
C GLY A 222 8.45 -11.24 -7.11
N GLY A 223 9.72 -11.29 -6.73
CA GLY A 223 10.28 -12.51 -6.18
C GLY A 223 10.72 -12.26 -4.75
N ASN A 224 10.56 -13.27 -3.91
CA ASN A 224 10.96 -13.11 -2.54
C ASN A 224 11.46 -14.42 -1.99
N ILE A 225 12.56 -14.37 -1.24
CA ILE A 225 13.08 -15.53 -0.55
C ILE A 225 13.30 -15.06 0.87
N PHE A 226 12.90 -15.85 1.84
CA PHE A 226 12.85 -15.36 3.21
C PHE A 226 13.04 -16.44 4.22
N TYR A 227 13.51 -16.00 5.38
CA TYR A 227 13.67 -16.86 6.53
C TYR A 227 13.03 -16.12 7.73
N GLU A 228 12.23 -16.81 8.52
CA GLU A 228 11.71 -16.21 9.73
C GLU A 228 11.99 -17.15 10.89
N ASP A 229 12.51 -16.59 11.97
CA ASP A 229 12.70 -17.33 13.21
C ASP A 229 11.76 -16.79 14.28
N TYR A 230 10.61 -17.44 14.42
CA TYR A 230 9.54 -17.04 15.36
C TYR A 230 9.69 -17.73 16.71
N ASP A 231 9.49 -16.96 17.78
CA ASP A 231 9.55 -17.50 19.13
C ASP A 231 8.75 -16.64 20.06
N ASN A 232 7.76 -17.28 20.64
CA ASN A 232 6.55 -16.66 21.12
C ASN A 232 6.53 -16.65 22.65
N SER A 233 7.60 -17.18 23.24
CA SER A 233 7.61 -17.64 24.63
C SER A 233 7.30 -16.58 25.69
N ALA A 234 7.39 -15.31 25.32
CA ALA A 234 7.13 -14.27 26.32
C ALA A 234 5.77 -13.59 26.07
N ARG A 235 4.71 -14.09 26.70
CA ARG A 235 3.38 -13.53 26.47
C ARG A 235 2.15 -13.97 27.33
N LYS A 236 1.15 -14.50 26.62
CA LYS A 236 -0.25 -14.63 27.02
C LYS A 236 -0.98 -15.08 25.75
N ALA A 237 -0.55 -14.50 24.62
CA ALA A 237 -0.59 -15.22 23.34
C ALA A 237 0.50 -16.26 23.44
N SER A 238 0.70 -16.76 24.66
CA SER A 238 1.32 -18.04 24.95
C SER A 238 0.32 -19.06 24.44
N ALA A 239 0.43 -20.28 24.95
CA ALA A 239 0.35 -21.42 24.06
C ALA A 239 1.49 -21.00 23.16
N ALA A 240 2.67 -21.05 23.75
CA ALA A 240 3.87 -20.65 23.07
C ALA A 240 4.27 -21.80 22.19
N TYR A 241 5.05 -21.48 21.16
CA TYR A 241 5.63 -22.49 20.31
C TYR A 241 6.84 -21.83 19.66
N LYS A 242 7.71 -22.62 19.05
CA LYS A 242 8.79 -22.05 18.24
C LYS A 242 8.66 -22.51 16.79
N ARG A 243 8.71 -21.54 15.87
CA ARG A 243 8.59 -21.85 14.45
C ARG A 243 9.74 -21.26 13.67
N LYS A 244 10.33 -22.07 12.81
CA LYS A 244 11.42 -21.61 11.99
C LYS A 244 10.92 -21.85 10.59
N THR A 245 10.89 -20.80 9.78
CA THR A 245 10.45 -21.08 8.43
C THR A 245 11.27 -20.42 7.35
N TYR A 246 11.42 -21.15 6.25
CA TYR A 246 12.02 -20.62 5.05
C TYR A 246 11.02 -20.81 3.93
N GLY A 247 11.11 -19.96 2.92
CA GLY A 247 10.24 -20.11 1.77
C GLY A 247 10.70 -19.22 0.65
N ALA A 248 9.97 -19.23 -0.47
CA ALA A 248 10.32 -18.41 -1.60
C ALA A 248 9.08 -18.26 -2.46
N SER A 249 8.96 -17.17 -3.20
CA SER A 249 7.67 -16.92 -3.79
C SER A 249 7.68 -15.90 -4.89
N GLY A 250 6.89 -16.15 -5.91
CA GLY A 250 6.74 -15.20 -7.00
C GLY A 250 5.33 -14.71 -7.01
N THR A 251 5.14 -13.39 -7.07
CA THR A 251 3.80 -12.88 -7.11
C THR A 251 3.57 -11.79 -8.17
N LEU A 252 2.56 -12.01 -9.02
CA LEU A 252 2.20 -11.15 -10.15
C LEU A 252 1.26 -10.06 -9.71
N GLY A 253 1.64 -8.80 -9.95
CA GLY A 253 0.82 -7.66 -9.57
C GLY A 253 0.23 -6.97 -10.78
N PHE A 254 -1.03 -6.54 -10.66
CA PHE A 254 -1.82 -6.02 -11.78
C PHE A 254 -2.41 -4.68 -11.42
N PRO A 255 -1.96 -3.61 -12.09
CA PRO A 255 -2.22 -2.21 -11.77
C PRO A 255 -3.37 -1.59 -12.55
N VAL A 256 -4.61 -1.83 -12.15
CA VAL A 256 -5.77 -1.55 -13.01
C VAL A 256 -6.36 -0.12 -13.04
N ASP A 257 -6.59 0.47 -11.89
CA ASP A 257 -7.58 1.55 -11.83
C ASP A 257 -7.07 2.66 -10.94
N GLU A 258 -5.80 2.59 -10.57
CA GLU A 258 -5.21 3.55 -9.62
C GLU A 258 -5.86 3.46 -8.24
N ASN A 259 -7.15 3.17 -8.20
CA ASN A 259 -7.82 2.89 -6.95
C ASN A 259 -7.96 1.39 -6.73
N ASN A 260 -7.69 0.61 -7.76
CA ASN A 260 -7.80 -0.85 -7.64
C ASN A 260 -6.60 -1.56 -8.19
N SER A 261 -6.31 -2.73 -7.63
CA SER A 261 -5.26 -3.59 -8.14
C SER A 261 -5.43 -5.03 -7.63
N TYR A 262 -4.88 -5.99 -8.37
CA TYR A 262 -5.03 -7.38 -8.01
C TYR A 262 -3.65 -7.95 -7.88
N TYR A 263 -3.57 -9.14 -7.32
CA TYR A 263 -2.32 -9.87 -7.44
C TYR A 263 -2.60 -11.37 -7.44
N LEU A 264 -1.71 -12.12 -8.09
CA LEU A 264 -1.71 -13.57 -8.06
C LEU A 264 -0.30 -14.00 -7.68
N GLY A 265 -0.17 -14.95 -6.76
CA GLY A 265 1.16 -15.45 -6.42
C GLY A 265 1.19 -16.95 -6.21
N LEU A 266 2.36 -17.53 -6.46
CA LEU A 266 2.67 -18.91 -6.10
C LEU A 266 3.84 -18.83 -5.13
N GLY A 267 3.86 -19.71 -4.14
CA GLY A 267 4.98 -19.76 -3.23
C GLY A 267 5.21 -21.13 -2.60
N TYR A 268 6.47 -21.44 -2.37
CA TYR A 268 6.81 -22.64 -1.63
C TYR A 268 7.36 -22.20 -0.29
N THR A 269 6.98 -22.91 0.77
CA THR A 269 7.39 -22.54 2.12
C THR A 269 7.53 -23.76 3.03
N HIS A 270 8.59 -23.78 3.81
CA HIS A 270 8.90 -24.90 4.65
C HIS A 270 8.94 -24.41 6.10
N ASP A 271 8.10 -25.01 6.95
CA ASP A 271 7.94 -24.62 8.35
C ASP A 271 8.46 -25.74 9.24
N LYS A 272 9.18 -25.39 10.29
CA LYS A 272 9.72 -26.38 11.21
C LYS A 272 9.37 -25.92 12.61
N LEU A 273 8.71 -26.78 13.39
CA LEU A 273 8.30 -26.40 14.75
C LEU A 273 8.92 -27.26 15.83
N ARG A 274 9.41 -26.59 16.88
CA ARG A 274 10.03 -27.24 18.04
C ARG A 274 9.34 -26.67 19.29
N ASN A 275 9.60 -27.27 20.46
CA ASN A 275 8.85 -26.96 21.66
C ASN A 275 7.47 -27.50 21.37
N VAL A 276 6.46 -26.62 21.37
CA VAL A 276 5.06 -27.00 21.22
C VAL A 276 4.65 -27.94 22.35
N GLU A 277 4.13 -27.37 23.43
CA GLU A 277 4.02 -28.10 24.69
C GLU A 277 2.83 -29.01 24.79
N ARG A 278 2.23 -29.31 23.65
CA ARG A 278 1.19 -30.33 23.54
C ARG A 278 -0.11 -29.97 24.23
N GLU A 279 -1.01 -29.37 23.47
CA GLU A 279 -2.36 -29.14 23.95
C GLU A 279 -3.44 -29.76 23.05
N TYR A 280 -4.69 -29.65 23.51
CA TYR A 280 -5.81 -30.40 22.98
C TYR A 280 -6.13 -30.21 21.49
N THR A 281 -6.51 -28.99 21.11
CA THR A 281 -6.80 -28.67 19.71
C THR A 281 -5.61 -28.88 18.79
N ARG A 282 -4.42 -28.55 19.30
CA ARG A 282 -3.19 -28.73 18.52
C ARG A 282 -2.96 -30.19 18.20
N GLU A 283 -3.17 -31.05 19.18
CA GLU A 283 -3.00 -32.50 19.02
C GLU A 283 -3.82 -32.99 17.83
N LYS A 284 -5.03 -32.45 17.73
CA LYS A 284 -5.96 -32.79 16.69
C LYS A 284 -5.32 -32.55 15.33
N TYR A 285 -4.46 -31.53 15.27
CA TYR A 285 -3.70 -31.21 14.07
C TYR A 285 -2.51 -32.13 13.89
N VAL A 286 -1.80 -32.36 14.98
CA VAL A 286 -0.66 -33.23 14.97
C VAL A 286 -1.09 -34.60 14.48
N ASN A 287 -2.19 -35.11 15.04
CA ASN A 287 -2.70 -36.41 14.61
C ASN A 287 -3.21 -36.34 13.18
N SER A 288 -3.89 -35.24 12.83
CA SER A 288 -4.43 -35.05 11.49
C SER A 288 -3.35 -35.32 10.44
N MET A 289 -2.13 -34.93 10.78
CA MET A 289 -0.98 -35.03 9.90
C MET A 289 -0.20 -36.30 10.17
N LYS A 290 -0.75 -37.15 11.02
CA LYS A 290 -0.13 -38.41 11.49
C LYS A 290 1.37 -38.41 11.77
N PHE A 291 1.83 -37.40 12.53
CA PHE A 291 3.13 -37.44 13.16
C PHE A 291 2.95 -38.19 14.48
N PRO A 292 4.03 -38.74 15.04
CA PRO A 292 3.85 -39.49 16.30
C PRO A 292 3.94 -38.58 17.53
N ILE A 293 3.50 -39.10 18.68
CA ILE A 293 3.50 -38.32 19.92
C ILE A 293 4.20 -39.07 21.04
N ASN A 294 3.79 -40.33 21.22
CA ASN A 294 4.22 -41.20 22.34
C ASN A 294 4.27 -40.53 23.73
N PRO A 295 3.25 -40.56 24.57
CA PRO A 295 3.57 -40.05 25.92
C PRO A 295 4.78 -40.86 26.41
N GLN A 296 5.04 -41.03 27.71
CA GLN A 296 5.21 -40.02 28.76
C GLN A 296 5.87 -38.71 28.32
N ASN A 297 6.09 -38.56 27.02
CA ASN A 297 6.59 -37.31 26.49
C ASN A 297 5.52 -36.23 26.53
N SER A 298 5.81 -35.15 27.25
CA SER A 298 5.10 -33.91 26.98
C SER A 298 5.78 -33.39 25.73
N HIS A 299 5.15 -32.46 25.03
CA HIS A 299 5.69 -31.92 23.78
C HIS A 299 5.71 -32.93 22.63
N TYR A 300 5.77 -32.42 21.40
CA TYR A 300 5.72 -33.28 20.23
C TYR A 300 7.08 -33.52 19.61
N ASP A 301 7.27 -34.70 19.05
CA ASP A 301 8.40 -34.94 18.17
C ASP A 301 8.21 -33.94 17.03
N ARG A 302 9.20 -33.08 16.83
CA ARG A 302 9.10 -31.93 15.94
C ARG A 302 8.34 -32.16 14.61
N ILE A 303 7.74 -31.07 14.14
CA ILE A 303 6.75 -31.06 13.09
C ILE A 303 7.33 -30.28 11.92
N GLN A 304 7.13 -30.75 10.68
CA GLN A 304 7.69 -30.10 9.49
C GLN A 304 6.67 -30.17 8.36
N SER A 305 6.81 -29.30 7.36
CA SER A 305 5.98 -29.39 6.17
C SER A 305 6.36 -28.42 5.05
N ALA A 306 5.87 -28.70 3.84
CA ALA A 306 5.62 -27.67 2.80
C ALA A 306 4.61 -28.30 1.88
N ASP A 307 3.73 -27.59 1.16
CA ASP A 307 3.29 -26.17 1.17
C ASP A 307 3.64 -25.29 -0.04
N PHE A 308 3.13 -25.72 -1.18
CA PHE A 308 2.95 -24.88 -2.35
C PHE A 308 1.63 -24.17 -2.19
N ASP A 309 1.64 -22.83 -2.15
CA ASP A 309 0.41 -22.10 -1.96
C ASP A 309 0.05 -21.25 -3.17
N LEU A 310 -1.24 -21.01 -3.36
CA LEU A 310 -1.73 -20.05 -4.36
C LEU A 310 -2.32 -18.83 -3.66
N SER A 311 -2.08 -17.65 -4.22
CA SER A 311 -2.50 -16.41 -3.56
C SER A 311 -3.09 -15.42 -4.53
N PHE A 312 -4.20 -14.81 -4.11
CA PHE A 312 -4.93 -13.85 -4.91
C PHE A 312 -5.37 -12.78 -3.97
N GLY A 313 -5.41 -11.53 -4.43
CA GLY A 313 -5.89 -10.45 -3.61
C GLY A 313 -6.44 -9.33 -4.45
N TRP A 314 -7.24 -8.46 -3.84
CA TRP A 314 -7.71 -7.28 -4.52
C TRP A 314 -7.58 -6.07 -3.61
N ASN A 315 -7.12 -4.97 -4.15
CA ASN A 315 -6.83 -3.81 -3.30
C ASN A 315 -7.42 -2.52 -3.73
N TYR A 316 -8.37 -2.07 -2.94
CA TYR A 316 -9.03 -0.80 -3.17
C TYR A 316 -8.50 0.24 -2.21
N ASN A 317 -8.13 1.40 -2.75
CA ASN A 317 -7.80 2.57 -1.94
C ASN A 317 -8.36 3.85 -2.52
N ASN A 318 -9.17 4.56 -1.76
CA ASN A 318 -9.52 5.92 -2.10
C ASN A 318 -8.59 6.84 -1.32
N LEU A 319 -9.04 7.19 -0.13
CA LEU A 319 -8.23 7.91 0.85
C LEU A 319 -7.57 9.18 0.32
N ASN A 320 -8.16 10.32 0.64
CA ASN A 320 -7.70 11.61 0.12
C ASN A 320 -6.36 12.07 0.68
N ARG A 321 -5.74 11.24 1.51
CA ARG A 321 -4.45 11.58 2.06
C ARG A 321 -3.56 10.41 2.40
N GLY A 322 -2.25 10.65 2.36
CA GLY A 322 -1.28 9.64 2.73
C GLY A 322 -1.59 9.17 4.14
N TYR A 323 -1.28 10.00 5.11
CA TYR A 323 -1.62 9.68 6.49
C TYR A 323 -2.68 10.65 7.05
N PHE A 324 -3.46 10.16 8.01
CA PHE A 324 -4.66 10.87 8.51
C PHE A 324 -5.69 11.20 7.42
N PRO A 325 -6.15 10.18 6.68
CA PRO A 325 -7.15 10.45 5.65
C PRO A 325 -8.33 11.13 6.29
N THR A 326 -9.00 11.98 5.55
CA THR A 326 -10.11 12.72 6.12
C THR A 326 -11.42 12.33 5.42
N ALA A 327 -11.28 11.76 4.22
CA ALA A 327 -12.43 11.21 3.52
C ALA A 327 -11.99 10.11 2.55
N GLY A 328 -12.98 9.37 2.05
CA GLY A 328 -12.68 8.26 1.16
C GLY A 328 -12.78 6.95 1.92
N SER A 329 -12.33 5.87 1.28
CA SER A 329 -12.24 4.58 1.95
C SER A 329 -11.10 3.73 1.42
N SER A 330 -11.02 2.51 1.94
CA SER A 330 -10.02 1.58 1.49
C SER A 330 -10.53 0.19 1.87
N ALA A 331 -10.10 -0.80 1.10
CA ALA A 331 -10.55 -2.16 1.36
C ALA A 331 -9.70 -3.22 0.66
N ASN A 332 -9.79 -4.44 1.17
CA ASN A 332 -9.03 -5.55 0.68
C ASN A 332 -9.84 -6.86 0.69
N ILE A 333 -9.64 -7.67 -0.35
CA ILE A 333 -10.16 -9.02 -0.41
C ILE A 333 -8.98 -9.95 -0.77
N SER A 334 -8.61 -10.83 0.14
CA SER A 334 -7.47 -11.72 -0.10
C SER A 334 -7.78 -13.19 0.18
N GLY A 335 -7.03 -14.08 -0.45
CA GLY A 335 -7.23 -15.50 -0.31
C GLY A 335 -5.96 -16.30 -0.50
N LYS A 336 -5.79 -17.35 0.31
CA LYS A 336 -4.67 -18.27 0.18
C LYS A 336 -5.22 -19.67 0.06
N LEU A 337 -4.52 -20.52 -0.67
CA LEU A 337 -4.92 -21.91 -0.80
C LEU A 337 -3.67 -22.76 -1.00
N THR A 338 -3.62 -23.92 -0.36
CA THR A 338 -2.51 -24.85 -0.55
C THR A 338 -2.77 -25.77 -1.73
N LEU A 339 -1.74 -25.97 -2.54
CA LEU A 339 -1.87 -26.66 -3.81
C LEU A 339 -1.57 -28.13 -3.65
N PRO A 340 -2.09 -28.98 -4.56
CA PRO A 340 -1.93 -30.43 -4.55
C PRO A 340 -0.62 -30.98 -3.98
N GLY A 341 0.52 -30.46 -4.39
CA GLY A 341 1.75 -30.97 -3.82
C GLY A 341 2.03 -30.59 -2.37
N SER A 342 1.11 -29.88 -1.71
CA SER A 342 1.40 -29.44 -0.35
C SER A 342 1.08 -30.54 0.64
N ASP A 343 1.63 -30.42 1.85
CA ASP A 343 1.10 -31.13 3.01
C ASP A 343 -0.12 -30.31 3.51
N ASN A 344 -0.45 -30.37 4.78
CA ASN A 344 -1.30 -29.30 5.35
C ASN A 344 -2.74 -29.00 4.84
N LYS A 345 -2.95 -28.81 3.53
CA LYS A 345 -4.30 -28.78 2.92
C LYS A 345 -5.37 -27.85 3.54
N TYR A 346 -5.21 -26.54 3.37
CA TYR A 346 -6.14 -25.59 3.98
C TYR A 346 -6.30 -24.34 3.11
N TYR A 347 -7.18 -23.43 3.52
CA TYR A 347 -7.35 -22.17 2.80
C TYR A 347 -7.66 -21.03 3.73
N GLN A 348 -7.29 -19.82 3.32
CA GLN A 348 -7.55 -18.64 4.12
C GLN A 348 -8.19 -17.57 3.23
N VAL A 349 -9.10 -16.77 3.79
CA VAL A 349 -9.74 -15.67 3.06
C VAL A 349 -10.01 -14.53 4.04
N GLY A 350 -9.78 -13.28 3.63
CA GLY A 350 -9.87 -12.13 4.51
C GLY A 350 -10.46 -10.87 3.86
N THR A 351 -10.99 -9.96 4.66
CA THR A 351 -11.57 -8.76 4.11
C THR A 351 -11.52 -7.63 5.07
N ASN A 352 -10.86 -6.54 4.71
CA ASN A 352 -10.91 -5.36 5.53
C ASN A 352 -11.43 -4.18 4.81
N PHE A 353 -11.75 -3.16 5.57
CA PHE A 353 -12.47 -2.03 5.13
C PHE A 353 -12.09 -0.98 6.10
N SER A 354 -11.77 0.19 5.61
CA SER A 354 -11.63 1.33 6.46
C SER A 354 -12.14 2.46 5.63
N GLY A 355 -12.96 3.31 6.23
CA GLY A 355 -13.56 4.43 5.57
C GLY A 355 -13.69 5.61 6.48
N TYR A 356 -13.73 6.77 5.90
CA TYR A 356 -13.74 8.03 6.61
C TYR A 356 -14.84 8.97 6.09
N ILE A 357 -15.58 9.56 7.01
CA ILE A 357 -16.67 10.48 6.70
C ILE A 357 -16.47 11.80 7.43
N PRO A 358 -16.35 12.90 6.68
CA PRO A 358 -16.19 14.20 7.34
C PRO A 358 -17.56 14.83 7.58
N LEU A 359 -17.72 15.54 8.70
CA LEU A 359 -19.01 16.16 9.05
C LEU A 359 -18.98 17.65 8.72
N ASN A 360 -17.94 18.04 8.00
CA ASN A 360 -17.48 19.41 7.99
C ASN A 360 -17.06 19.78 6.60
N SER A 361 -17.31 21.02 6.20
CA SER A 361 -16.59 21.55 5.06
C SER A 361 -15.12 21.56 5.48
N GLU A 362 -14.92 21.77 6.77
CA GLU A 362 -13.59 21.93 7.35
C GLU A 362 -12.70 20.68 7.35
N HIS A 363 -13.28 19.53 7.69
CA HIS A 363 -12.59 18.23 7.80
C HIS A 363 -11.93 17.94 9.13
N LYS A 364 -12.14 18.82 10.11
CA LYS A 364 -11.63 18.63 11.46
C LYS A 364 -12.43 17.59 12.26
N TRP A 365 -13.73 17.48 11.98
CA TRP A 365 -14.55 16.47 12.63
C TRP A 365 -14.94 15.38 11.65
N VAL A 366 -14.35 14.21 11.88
CA VAL A 366 -14.45 13.08 10.96
C VAL A 366 -14.99 11.91 11.75
N ILE A 367 -15.79 11.06 11.11
CA ILE A 367 -16.21 9.80 11.71
C ILE A 367 -15.51 8.74 10.93
N ALA A 368 -14.77 7.87 11.60
CA ALA A 368 -14.09 6.77 10.92
C ALA A 368 -14.57 5.44 11.44
N THR A 369 -14.61 4.46 10.55
CA THR A 369 -15.08 3.12 10.88
C THR A 369 -14.16 2.13 10.20
N LYS A 370 -14.01 0.94 10.78
CA LYS A 370 -13.11 -0.10 10.27
C LYS A 370 -13.74 -1.44 10.60
N GLY A 371 -13.59 -2.41 9.70
CA GLY A 371 -14.12 -3.74 9.95
C GLY A 371 -13.25 -4.79 9.26
N GLY A 372 -13.05 -5.92 9.92
CA GLY A 372 -12.27 -6.98 9.32
C GLY A 372 -12.85 -8.35 9.59
N LEU A 373 -12.74 -9.23 8.59
CA LEU A 373 -13.28 -10.56 8.66
C LEU A 373 -12.20 -11.52 8.20
N ALA A 374 -11.95 -12.55 8.99
CA ALA A 374 -10.89 -13.52 8.69
C ALA A 374 -11.39 -14.93 8.92
N TYR A 375 -11.17 -15.80 7.97
CA TYR A 375 -11.67 -17.16 8.10
C TYR A 375 -10.75 -18.17 7.45
N THR A 376 -10.44 -19.22 8.19
CA THR A 376 -9.66 -20.32 7.68
C THR A 376 -10.46 -21.59 7.84
N ASN A 377 -10.40 -22.44 6.83
CA ASN A 377 -10.67 -23.85 7.07
C ASN A 377 -9.79 -24.79 6.26
N SER A 378 -9.95 -26.08 6.54
CA SER A 378 -9.10 -27.10 5.98
C SER A 378 -9.97 -28.13 5.28
N PHE A 379 -9.34 -29.16 4.74
CA PHE A 379 -10.03 -30.16 3.95
C PHE A 379 -9.10 -31.35 3.77
N GLY A 380 -9.58 -32.41 3.15
CA GLY A 380 -8.75 -33.59 2.95
C GLY A 380 -8.45 -34.30 4.27
N GLY A 381 -9.39 -34.22 5.21
CA GLY A 381 -9.22 -34.85 6.51
C GLY A 381 -8.04 -34.30 7.26
N LYS A 382 -7.82 -33.01 7.11
CA LYS A 382 -6.70 -32.34 7.76
C LYS A 382 -7.23 -31.20 8.60
N GLU A 383 -6.53 -30.89 9.68
CA GLU A 383 -6.87 -29.71 10.47
C GLU A 383 -6.05 -28.50 10.02
N VAL A 384 -6.57 -27.31 10.27
CA VAL A 384 -5.79 -26.10 9.99
C VAL A 384 -4.55 -26.10 10.89
N PRO A 385 -3.39 -25.84 10.31
CA PRO A 385 -2.17 -25.85 11.11
C PRO A 385 -2.27 -24.84 12.25
N PHE A 386 -2.15 -25.29 13.50
CA PHE A 386 -2.44 -24.46 14.69
C PHE A 386 -1.68 -23.14 14.77
N TYR A 387 -0.54 -23.07 14.11
CA TYR A 387 0.26 -21.85 14.12
C TYR A 387 -0.21 -20.87 13.08
N GLN A 388 -1.31 -21.20 12.43
CA GLN A 388 -1.88 -20.41 11.35
C GLN A 388 -3.23 -19.87 11.82
N LEU A 389 -3.46 -19.90 13.13
CA LEU A 389 -4.73 -19.48 13.69
C LEU A 389 -4.83 -17.97 14.06
N TYR A 390 -6.04 -17.47 14.25
CA TYR A 390 -6.23 -16.05 14.55
C TYR A 390 -6.43 -15.76 16.03
N SER A 391 -6.11 -14.53 16.40
CA SER A 391 -6.35 -14.04 17.73
C SER A 391 -6.55 -12.54 17.57
N ALA A 392 -7.22 -11.91 18.54
CA ALA A 392 -7.48 -10.48 18.48
C ALA A 392 -7.04 -9.85 19.78
N GLY A 393 -7.07 -8.53 19.83
CA GLY A 393 -6.57 -7.77 20.97
C GLY A 393 -5.52 -6.79 20.48
N GLY A 394 -5.26 -5.76 21.27
CA GLY A 394 -4.23 -4.79 20.96
C GLY A 394 -4.62 -3.80 19.88
N MET A 395 -3.83 -2.73 19.75
CA MET A 395 -4.02 -1.71 18.71
C MET A 395 -4.17 -2.41 17.38
N GLY A 396 -5.12 -1.96 16.57
CA GLY A 396 -5.33 -2.65 15.33
C GLY A 396 -6.44 -3.67 15.36
N SER A 397 -6.74 -4.24 16.53
CA SER A 397 -7.93 -5.07 16.63
C SER A 397 -8.86 -4.74 17.81
N LEU A 398 -8.32 -4.65 19.02
CA LEU A 398 -9.16 -4.43 20.20
C LEU A 398 -8.42 -3.69 21.29
N ARG A 399 -8.39 -2.38 21.21
CA ARG A 399 -7.68 -1.62 22.22
C ARG A 399 -8.16 -1.91 23.66
N GLY A 400 -7.29 -1.75 24.64
CA GLY A 400 -7.62 -2.12 26.00
C GLY A 400 -7.40 -3.61 26.31
N PHE A 401 -7.48 -4.47 25.30
CA PHE A 401 -7.05 -5.84 25.52
C PHE A 401 -5.61 -6.04 25.02
N ALA A 402 -4.84 -6.89 25.69
CA ALA A 402 -3.46 -7.11 25.26
C ALA A 402 -3.47 -7.84 23.92
N GLY A 403 -2.39 -7.67 23.17
CA GLY A 403 -2.27 -8.36 21.89
C GLY A 403 -2.44 -9.86 22.04
N GLY A 404 -3.26 -10.44 21.17
CA GLY A 404 -3.47 -11.87 21.11
C GLY A 404 -4.14 -12.47 22.33
N SER A 405 -4.85 -11.63 23.08
CA SER A 405 -5.53 -12.07 24.30
C SER A 405 -6.94 -12.59 24.02
N ILE A 406 -7.44 -12.34 22.82
CA ILE A 406 -8.80 -12.74 22.46
C ILE A 406 -8.91 -13.96 21.55
N GLY A 407 -9.31 -15.10 22.09
CA GLY A 407 -9.61 -16.26 21.26
C GLY A 407 -9.74 -17.51 22.10
N PRO A 408 -9.89 -18.68 21.47
CA PRO A 408 -9.99 -19.93 22.24
C PRO A 408 -8.76 -20.19 23.12
N LYS A 409 -9.01 -20.75 24.29
CA LYS A 409 -7.96 -21.03 25.27
C LYS A 409 -7.34 -22.42 25.09
N ALA A 410 -6.06 -22.55 25.46
CA ALA A 410 -5.37 -23.83 25.39
C ALA A 410 -5.87 -24.78 26.47
N ILE A 411 -5.73 -26.08 26.24
CA ILE A 411 -6.02 -27.09 27.26
C ILE A 411 -4.90 -28.12 27.27
N TYR A 412 -3.97 -27.96 28.21
CA TYR A 412 -2.78 -28.81 28.24
C TYR A 412 -3.01 -30.15 28.92
N TYR A 413 -1.96 -30.96 28.96
CA TYR A 413 -2.03 -32.33 29.44
C TYR A 413 -1.71 -32.37 30.94
N ARG A 414 -2.49 -33.13 31.70
CA ARG A 414 -2.25 -33.28 33.14
C ARG A 414 -2.23 -34.73 33.60
N GLU A 415 -2.07 -35.66 32.65
CA GLU A 415 -2.00 -37.13 32.88
C GLU A 415 -2.94 -37.65 33.98
N ASP A 416 -4.13 -38.17 33.67
CA ASP A 416 -4.67 -38.55 32.33
C ASP A 416 -4.53 -37.60 31.13
N GLY A 417 -4.74 -36.29 31.35
CA GLY A 417 -4.45 -35.32 30.33
C GLY A 417 -5.62 -34.61 29.71
N PHE A 418 -5.34 -33.45 29.14
CA PHE A 418 -6.34 -32.58 28.51
C PHE A 418 -7.51 -32.29 29.43
N LYS A 419 -7.17 -32.16 30.71
CA LYS A 419 -8.03 -31.51 31.69
C LYS A 419 -7.18 -30.56 32.49
N ALA A 420 -6.49 -29.67 31.77
CA ALA A 420 -5.76 -28.58 32.39
C ALA A 420 -6.02 -27.31 31.61
N PRO A 421 -7.25 -26.77 31.74
CA PRO A 421 -7.67 -25.55 31.03
C PRO A 421 -6.75 -24.39 31.38
N SER A 422 -6.26 -23.70 30.36
CA SER A 422 -5.26 -22.66 30.55
C SER A 422 -5.85 -21.29 30.22
N GLN A 423 -5.08 -20.24 30.53
CA GLN A 423 -5.48 -18.89 30.19
C GLN A 423 -4.90 -18.51 28.83
N ASP A 424 -3.78 -19.14 28.48
CA ASP A 424 -3.14 -18.97 27.18
C ASP A 424 -4.12 -19.01 26.01
N VAL A 425 -3.99 -18.03 25.12
CA VAL A 425 -4.78 -18.04 23.90
C VAL A 425 -4.15 -18.93 22.84
N ILE A 426 -4.85 -20.00 22.48
CA ILE A 426 -4.36 -20.92 21.46
C ILE A 426 -4.82 -20.49 20.05
N GLY A 427 -5.88 -19.69 19.96
CA GLY A 427 -6.30 -19.10 18.70
C GLY A 427 -7.44 -19.83 18.02
N GLY A 428 -8.08 -19.16 17.04
CA GLY A 428 -9.25 -19.70 16.37
C GLY A 428 -9.23 -19.49 14.87
N ASN A 429 -10.15 -20.13 14.15
CA ASN A 429 -10.17 -20.06 12.69
C ASN A 429 -11.18 -19.06 12.11
N ALA A 430 -11.72 -18.21 12.98
CA ALA A 430 -12.70 -17.20 12.57
C ALA A 430 -12.60 -15.98 13.45
N MET A 431 -12.39 -14.83 12.82
CA MET A 431 -12.19 -13.60 13.53
C MET A 431 -13.10 -12.55 12.86
N VAL A 432 -13.77 -11.74 13.66
CA VAL A 432 -14.39 -10.54 13.15
C VAL A 432 -14.04 -9.44 14.13
N ASN A 433 -13.75 -8.26 13.60
CA ASN A 433 -13.52 -7.12 14.44
C ASN A 433 -14.14 -5.93 13.74
N ALA A 434 -14.49 -4.90 14.50
CA ALA A 434 -14.93 -3.66 13.89
C ALA A 434 -14.65 -2.55 14.84
N SER A 435 -14.79 -1.32 14.37
CA SER A 435 -14.35 -0.17 15.14
C SER A 435 -15.05 1.07 14.61
N LEU A 436 -15.32 2.01 15.49
CA LEU A 436 -16.04 3.21 15.15
C LEU A 436 -15.38 4.30 15.98
N GLU A 437 -14.97 5.38 15.34
CA GLU A 437 -14.38 6.47 16.12
C GLU A 437 -14.74 7.86 15.64
N LEU A 438 -14.87 8.77 16.61
CA LEU A 438 -15.01 10.20 16.32
C LEU A 438 -13.66 10.88 16.44
N ILE A 439 -13.14 11.34 15.31
CA ILE A 439 -11.94 12.17 15.28
C ILE A 439 -12.32 13.62 15.54
N ILE A 440 -11.87 14.18 16.65
CA ILE A 440 -12.17 15.57 16.92
C ILE A 440 -10.87 16.37 16.83
N PRO A 441 -10.97 17.69 16.68
CA PRO A 441 -9.75 18.52 16.66
C PRO A 441 -8.97 18.35 17.94
N ALA A 442 -7.63 18.35 17.83
CA ALA A 442 -6.75 18.20 18.98
C ALA A 442 -6.74 19.47 19.78
N PRO A 443 -7.16 19.39 21.07
CA PRO A 443 -7.12 20.61 21.89
C PRO A 443 -5.67 21.00 22.22
N PHE A 444 -5.48 22.26 22.60
CA PHE A 444 -4.17 22.83 22.93
C PHE A 444 -3.21 22.90 21.74
N ILE A 445 -3.25 21.87 20.88
CA ILE A 445 -2.34 21.83 19.73
C ILE A 445 -2.72 22.91 18.73
N SER A 446 -2.29 22.75 17.47
CA SER A 446 -2.68 23.65 16.39
C SER A 446 -1.81 24.94 16.41
N ASP A 447 -2.03 25.89 15.49
CA ASP A 447 -2.98 25.75 14.39
C ASP A 447 -2.32 25.27 13.12
N LYS A 448 -1.05 25.63 13.00
CA LYS A 448 -0.23 25.18 11.89
C LYS A 448 0.13 23.69 12.04
N TYR A 449 0.39 23.25 13.27
CA TYR A 449 0.80 21.85 13.50
C TYR A 449 -0.39 20.97 13.88
N GLN A 450 -1.61 21.41 13.55
CA GLN A 450 -2.80 20.71 14.01
C GLN A 450 -3.04 19.48 13.25
N HIS A 451 -2.60 19.47 12.00
CA HIS A 451 -2.42 18.23 11.32
C HIS A 451 -1.13 17.79 11.95
N ASN A 452 -0.68 16.58 11.67
CA ASN A 452 0.43 15.98 12.40
C ASN A 452 -0.04 15.39 13.71
N VAL A 453 -1.22 15.77 14.20
CA VAL A 453 -1.83 15.08 15.33
C VAL A 453 -3.32 14.86 15.12
N ARG A 454 -3.75 13.66 15.52
CA ARG A 454 -5.11 13.17 15.35
C ARG A 454 -5.63 12.62 16.67
N THR A 455 -6.53 13.36 17.30
CA THR A 455 -7.17 12.88 18.52
C THR A 455 -8.54 12.30 18.18
N SER A 456 -8.97 11.27 18.92
CA SER A 456 -10.20 10.57 18.61
C SER A 456 -10.79 9.85 19.80
N VAL A 457 -12.04 9.45 19.69
CA VAL A 457 -12.71 8.67 20.71
C VAL A 457 -13.38 7.53 19.99
N PHE A 458 -13.23 6.32 20.52
CA PHE A 458 -13.50 5.15 19.69
C PHE A 458 -14.27 4.08 20.45
N VAL A 459 -14.83 3.14 19.69
CA VAL A 459 -15.33 1.89 20.24
C VAL A 459 -14.79 0.76 19.38
N ASP A 460 -13.98 -0.11 19.97
CA ASP A 460 -13.49 -1.27 19.23
C ASP A 460 -14.31 -2.46 19.72
N ALA A 461 -14.38 -3.49 18.89
CA ALA A 461 -15.12 -4.71 19.23
C ALA A 461 -14.64 -5.83 18.33
N ALA A 462 -14.42 -7.00 18.92
CA ALA A 462 -13.77 -8.12 18.24
C ALA A 462 -14.26 -9.45 18.79
N THR A 463 -14.07 -10.52 18.01
CA THR A 463 -14.54 -11.84 18.39
C THR A 463 -13.75 -12.91 17.65
N VAL A 464 -13.11 -13.82 18.39
CA VAL A 464 -12.38 -14.93 17.80
C VAL A 464 -12.89 -16.27 18.29
N TRP A 465 -13.37 -17.08 17.36
CA TRP A 465 -13.90 -18.37 17.73
C TRP A 465 -13.40 -19.51 16.86
N ASN A 466 -13.68 -20.73 17.32
CA ASN A 466 -13.32 -21.97 16.68
C ASN A 466 -14.59 -22.62 16.15
N THR A 467 -14.80 -22.56 14.84
CA THR A 467 -15.94 -23.22 14.20
C THR A 467 -16.06 -24.72 14.47
N LYS A 468 -14.95 -25.40 14.75
CA LYS A 468 -15.09 -26.85 14.89
C LYS A 468 -15.26 -27.29 16.34
N TRP A 469 -15.27 -26.33 17.26
CA TRP A 469 -15.32 -26.64 18.69
C TRP A 469 -16.63 -27.38 19.13
N LYS A 470 -17.60 -27.40 18.23
CA LYS A 470 -18.82 -28.16 18.46
C LYS A 470 -18.51 -29.65 18.63
N GLN A 471 -17.55 -30.16 17.86
CA GLN A 471 -17.19 -31.58 17.89
C GLN A 471 -16.56 -31.95 19.23
N SER A 472 -16.12 -30.95 19.98
CA SER A 472 -15.46 -31.15 21.24
C SER A 472 -16.24 -30.53 22.40
N LYS A 473 -17.40 -29.94 22.10
CA LYS A 473 -18.15 -29.14 23.08
C LYS A 473 -18.48 -29.90 24.37
N ALA A 474 -19.31 -30.93 24.27
CA ALA A 474 -19.42 -31.88 25.36
C ALA A 474 -18.03 -32.48 25.48
N ASP A 475 -17.69 -33.01 26.66
CA ASP A 475 -16.33 -33.35 27.08
C ASP A 475 -15.71 -32.15 27.81
N TYR A 476 -16.26 -30.97 27.58
CA TYR A 476 -15.82 -29.80 28.31
C TYR A 476 -16.98 -28.88 28.60
N PRO A 477 -17.89 -29.32 29.48
CA PRO A 477 -19.11 -28.56 29.77
C PRO A 477 -18.81 -27.42 30.71
N ASN A 478 -17.68 -27.47 31.42
CA ASN A 478 -17.37 -26.42 32.38
C ASN A 478 -16.43 -25.36 31.83
N LEU A 479 -16.08 -25.50 30.57
CA LEU A 479 -15.33 -24.48 29.85
C LEU A 479 -16.31 -23.79 28.93
N PRO A 480 -16.05 -22.52 28.59
CA PRO A 480 -16.95 -21.75 27.72
C PRO A 480 -17.19 -22.42 26.38
N ASP A 481 -18.12 -21.87 25.60
CA ASP A 481 -18.37 -22.35 24.25
C ASP A 481 -17.41 -21.65 23.30
N PHE A 482 -16.27 -22.29 23.05
CA PHE A 482 -15.20 -21.65 22.31
C PHE A 482 -15.59 -21.48 20.86
N GLY A 483 -16.66 -22.17 20.46
CA GLY A 483 -17.21 -22.08 19.13
C GLY A 483 -18.33 -21.07 18.98
N ASP A 484 -18.70 -20.44 20.08
CA ASP A 484 -19.72 -19.41 20.03
C ASP A 484 -19.19 -18.07 19.50
N TYR A 485 -19.62 -17.70 18.30
CA TYR A 485 -19.22 -16.43 17.71
C TYR A 485 -19.70 -15.23 18.55
N LYS A 486 -20.68 -15.43 19.42
CA LYS A 486 -21.26 -14.31 20.17
C LYS A 486 -20.49 -13.84 21.42
N ARG A 487 -19.31 -14.42 21.69
CA ARG A 487 -18.56 -14.03 22.87
C ARG A 487 -17.67 -12.85 22.53
N VAL A 488 -18.35 -11.84 22.02
CA VAL A 488 -17.75 -10.62 21.54
C VAL A 488 -17.28 -9.75 22.71
N ARG A 489 -16.11 -9.16 22.52
CA ARG A 489 -15.61 -8.19 23.48
C ARG A 489 -15.55 -6.85 22.82
N ALA A 490 -15.54 -5.81 23.64
CA ALA A 490 -15.48 -4.48 23.11
C ALA A 490 -14.95 -3.50 24.15
N SER A 491 -14.55 -2.34 23.67
CA SER A 491 -13.95 -1.36 24.52
C SER A 491 -14.22 0.02 23.98
N ALA A 492 -13.98 1.02 24.82
CA ALA A 492 -14.09 2.41 24.38
C ALA A 492 -12.95 3.24 24.95
N GLY A 493 -12.45 4.20 24.17
CA GLY A 493 -11.35 5.00 24.68
C GLY A 493 -11.03 6.28 23.97
N ILE A 494 -9.97 6.91 24.45
CA ILE A 494 -9.30 8.03 23.77
C ILE A 494 -8.10 7.47 23.03
N ALA A 495 -7.69 8.16 21.98
CA ALA A 495 -6.58 7.70 21.18
C ALA A 495 -5.91 8.93 20.60
N LEU A 496 -4.61 9.04 20.83
CA LEU A 496 -3.86 10.16 20.29
C LEU A 496 -2.88 9.60 19.32
N GLN A 497 -2.70 10.25 18.20
CA GLN A 497 -1.51 9.94 17.42
C GLN A 497 -0.85 11.17 16.85
N TRP A 498 0.45 11.08 16.66
CA TRP A 498 1.13 12.15 15.99
C TRP A 498 2.40 11.77 15.22
N GLN A 499 2.55 12.41 14.06
CA GLN A 499 3.70 12.24 13.21
C GLN A 499 4.71 13.26 13.64
N SER A 500 5.52 12.90 14.63
CA SER A 500 6.58 13.78 15.12
C SER A 500 7.69 13.87 14.09
N PRO A 501 8.60 14.84 14.27
CA PRO A 501 9.75 14.89 13.36
C PRO A 501 10.74 13.72 13.50
N ILE A 502 10.48 12.76 14.38
CA ILE A 502 11.37 11.62 14.56
C ILE A 502 10.69 10.33 14.12
N GLY A 503 9.40 10.42 13.85
CA GLY A 503 8.62 9.26 13.50
C GLY A 503 7.30 9.25 14.25
N PRO A 504 6.45 8.27 13.96
CA PRO A 504 5.05 8.22 14.38
C PRO A 504 4.84 7.65 15.78
N LEU A 505 4.31 8.49 16.67
CA LEU A 505 3.83 8.01 17.97
C LEU A 505 2.33 7.86 17.89
N SER A 506 1.79 6.80 18.49
CA SER A 506 0.34 6.69 18.63
C SER A 506 -0.02 6.12 19.99
N PHE A 507 -0.92 6.80 20.68
CA PHE A 507 -1.31 6.39 22.01
C PHE A 507 -2.78 5.97 22.09
N SER A 508 -3.14 5.30 23.17
CA SER A 508 -4.47 4.78 23.34
C SER A 508 -4.62 4.55 24.83
N TYR A 509 -5.73 5.02 25.40
CA TYR A 509 -6.14 4.59 26.71
C TYR A 509 -7.51 4.04 26.48
N ALA A 510 -7.71 2.78 26.83
CA ALA A 510 -9.02 2.21 26.58
C ALA A 510 -9.50 1.45 27.79
N LYS A 511 -10.80 1.52 28.01
CA LYS A 511 -11.45 0.77 29.05
C LYS A 511 -12.37 -0.20 28.32
N PRO A 512 -12.47 -1.44 28.82
CA PRO A 512 -13.36 -2.48 28.29
C PRO A 512 -14.83 -2.21 28.63
N ILE A 513 -15.74 -2.45 27.70
CA ILE A 513 -17.17 -2.41 28.00
C ILE A 513 -17.77 -3.82 28.08
N LYS A 514 -16.99 -4.80 27.64
CA LYS A 514 -17.40 -6.20 27.71
C LYS A 514 -16.17 -7.08 27.68
N LYS A 515 -15.97 -7.86 28.73
CA LYS A 515 -14.88 -8.82 28.73
C LYS A 515 -15.38 -10.17 29.20
N TYR A 516 -14.46 -11.12 29.26
CA TYR A 516 -14.81 -12.43 29.74
C TYR A 516 -13.73 -12.77 30.74
N ALA A 517 -14.06 -13.67 31.66
CA ALA A 517 -13.14 -14.17 32.67
C ALA A 517 -11.86 -14.57 31.99
N GLY A 518 -10.73 -14.11 32.53
CA GLY A 518 -9.42 -14.53 32.07
C GLY A 518 -8.85 -13.77 30.89
N ASP A 519 -9.59 -12.75 30.45
CA ASP A 519 -9.15 -11.89 29.37
C ASP A 519 -8.05 -10.94 29.81
N GLU A 520 -6.92 -10.91 29.09
CA GLU A 520 -5.86 -10.02 29.51
C GLU A 520 -6.07 -8.56 29.07
N ILE A 521 -6.31 -7.71 30.07
CA ILE A 521 -6.57 -6.29 29.84
C ILE A 521 -5.30 -5.45 29.92
N GLU A 522 -4.96 -4.76 28.84
CA GLU A 522 -3.85 -3.81 28.82
C GLU A 522 -4.38 -2.47 28.34
N GLN A 523 -4.81 -1.65 29.29
CA GLN A 523 -5.48 -0.37 29.02
C GLN A 523 -4.66 0.65 28.25
N PHE A 524 -3.46 0.91 28.73
CA PHE A 524 -2.61 1.86 28.04
C PHE A 524 -1.72 1.11 27.04
N GLN A 525 -1.71 1.61 25.81
CA GLN A 525 -0.97 0.98 24.74
C GLN A 525 -0.39 2.09 23.89
N PHE A 526 0.68 1.83 23.16
CA PHE A 526 1.36 2.90 22.45
C PHE A 526 2.38 2.32 21.51
N THR A 527 2.63 2.97 20.38
CA THR A 527 3.86 2.68 19.66
C THR A 527 4.66 3.93 19.33
N VAL A 528 5.96 3.71 19.12
CA VAL A 528 6.92 4.74 18.88
C VAL A 528 7.86 4.15 17.84
N GLY A 529 8.14 4.90 16.78
CA GLY A 529 8.93 4.37 15.69
C GLY A 529 9.75 5.43 14.99
N SER A 530 10.91 5.03 14.49
CA SER A 530 11.77 5.96 13.77
C SER A 530 12.48 5.24 12.66
N THR A 531 12.72 5.95 11.56
CA THR A 531 13.47 5.41 10.43
C THR A 531 14.57 6.38 9.96
N PHE A 532 15.72 5.83 9.58
CA PHE A 532 16.84 6.64 9.09
C PHE A 532 17.65 5.85 8.08
#